data_8TTU
#
_entry.id   8TTU
#
_cell.length_a   37.544
_cell.length_b   74.497
_cell.length_c   102.529
_cell.angle_alpha   90.00
_cell.angle_beta   90.00
_cell.angle_gamma   90.00
#
_symmetry.space_group_name_H-M   'P 21 21 21'
#
loop_
_entity.id
_entity.type
_entity.pdbx_description
1 polymer 'Sorting nexin-27'
2 polymer 'Fam21A repeat 19 peptide'
3 non-polymer GLYCEROL
4 non-polymer DI(HYDROXYETHYL)ETHER
5 water water
#
loop_
_entity_poly.entity_id
_entity_poly.type
_entity_poly.pdbx_seq_one_letter_code
_entity_poly.pdbx_strand_id
1 'polypeptide(L)'
;SNAGVSDVELRVALPDGTTVTVRVKKNSTTDQVYQAIAAKVGMDSTTVNYFALFEVISHSFVRKLAPNEFPHKLYIQNYT
SAVPGTCLTIRKWLFTTEEEILLNDNDLAVTYFFHQAVDDVKKGYIKAEEKSYQLQKLYEQRKMVMYLNMLRT(CAF)EG
YNEIIFPHCACDSRRKGHVITAISITHFKLHACTEEGQLENQVIAFEWDEMQRWDTDEEGMAFCFEYARGEKKPRWVKIF
TPYFNYMHECFERVF(CAF)ELKWRKEEY
;
A
2 'polypeptide(L)' NLFDDNIDIFADLT B
#
# COMPACT_ATOMS: atom_id res chain seq x y z
N SER A 6 4.71 -6.54 31.51
CA SER A 6 5.31 -5.22 31.29
C SER A 6 4.47 -4.37 30.32
N ASP A 7 4.07 -3.18 30.75
CA ASP A 7 3.27 -2.25 29.95
C ASP A 7 4.15 -1.17 29.36
N VAL A 8 3.85 -0.78 28.11
CA VAL A 8 4.57 0.29 27.43
C VAL A 8 3.59 1.13 26.64
N GLU A 9 3.93 2.41 26.47
CA GLU A 9 3.15 3.27 25.60
C GLU A 9 3.72 3.26 24.19
N LEU A 10 2.83 3.44 23.20
CA LEU A 10 3.14 3.45 21.77
C LEU A 10 2.42 4.62 21.13
N ARG A 11 3.13 5.42 20.33
CA ARG A 11 2.51 6.49 19.54
C ARG A 11 2.28 6.01 18.11
N VAL A 12 1.12 6.33 17.54
CA VAL A 12 0.78 5.90 16.19
C VAL A 12 0.08 7.05 15.49
N ALA A 13 0.43 7.28 14.23
CA ALA A 13 -0.14 8.36 13.46
C ALA A 13 -1.42 7.92 12.74
N LEU A 14 -2.39 8.77 12.73
CA LEU A 14 -3.60 8.47 12.00
C LEU A 14 -3.65 9.25 10.69
N PRO A 15 -4.52 8.84 9.73
CA PRO A 15 -4.48 9.48 8.39
C PRO A 15 -4.61 11.00 8.38
N ASP A 16 -5.10 11.62 9.46
CA ASP A 16 -5.35 13.05 9.52
C ASP A 16 -4.20 13.84 10.13
N GLY A 17 -3.05 13.22 10.39
CA GLY A 17 -1.91 13.93 10.93
C GLY A 17 -1.83 13.95 12.45
N THR A 18 -2.92 13.61 13.14
CA THR A 18 -2.84 13.47 14.58
C THR A 18 -2.22 12.13 14.93
N THR A 19 -1.86 11.98 16.21
CA THR A 19 -1.31 10.75 16.72
C THR A 19 -2.14 10.30 17.92
N VAL A 20 -2.10 9.00 18.20
CA VAL A 20 -2.77 8.43 19.34
C VAL A 20 -1.75 7.59 20.10
N THR A 21 -1.95 7.48 21.41
CA THR A 21 -1.06 6.75 22.29
C THR A 21 -1.85 5.61 22.91
N VAL A 22 -1.29 4.40 22.89
CA VAL A 22 -1.91 3.26 23.53
C VAL A 22 -0.94 2.66 24.54
N ARG A 23 -1.47 2.17 25.66
CA ARG A 23 -0.70 1.46 26.68
C ARG A 23 -0.90 -0.03 26.43
N VAL A 24 0.17 -0.73 26.06
CA VAL A 24 0.07 -2.06 25.48
C VAL A 24 1.21 -2.92 25.99
N LYS A 25 0.99 -4.25 25.98
CA LYS A 25 1.99 -5.19 26.46
C LYS A 25 3.24 -5.18 25.57
N LYS A 26 4.41 -5.30 26.21
CA LYS A 26 5.67 -4.99 25.52
C LYS A 26 5.88 -5.88 24.31
N ASN A 27 5.56 -7.17 24.42
CA ASN A 27 5.80 -8.12 23.34
C ASN A 27 4.58 -8.32 22.46
N SER A 28 3.65 -7.35 22.43
CA SER A 28 2.48 -7.43 21.56
C SER A 28 2.91 -7.60 20.11
N THR A 29 2.18 -8.45 19.38
CA THR A 29 2.34 -8.55 17.94
C THR A 29 1.52 -7.46 17.25
N THR A 30 1.73 -7.33 15.95
CA THR A 30 1.15 -6.21 15.24
C THR A 30 -0.38 -6.20 15.31
N ASP A 31 -1.04 -7.33 15.07
CA ASP A 31 -2.50 -7.31 15.12
C ASP A 31 -3.00 -6.90 16.49
N GLN A 32 -2.35 -7.38 17.55
CA GLN A 32 -2.74 -6.98 18.90
C GLN A 32 -2.65 -5.46 19.07
N VAL A 33 -1.56 -4.86 18.59
CA VAL A 33 -1.46 -3.41 18.67
C VAL A 33 -2.49 -2.74 17.75
N TYR A 34 -2.73 -3.32 16.58
CA TYR A 34 -3.77 -2.75 15.74
C TYR A 34 -5.13 -2.81 16.42
N GLN A 35 -5.42 -3.90 17.14
CA GLN A 35 -6.71 -3.97 17.82
C GLN A 35 -6.79 -2.97 18.97
N ALA A 36 -5.69 -2.79 19.71
CA ALA A 36 -5.73 -1.76 20.73
C ALA A 36 -6.01 -0.39 20.11
N ILE A 37 -5.39 -0.10 18.96
CA ILE A 37 -5.60 1.21 18.35
C ILE A 37 -6.99 1.32 17.77
N ALA A 38 -7.48 0.25 17.15
CA ALA A 38 -8.81 0.28 16.57
C ALA A 38 -9.85 0.64 17.62
N ALA A 39 -9.65 0.19 18.86
CA ALA A 39 -10.62 0.41 19.91
C ALA A 39 -10.54 1.83 20.46
N LYS A 40 -9.32 2.36 20.63
CA LYS A 40 -9.21 3.69 21.23
C LYS A 40 -9.74 4.77 20.30
N VAL A 41 -9.70 4.57 18.98
CA VAL A 41 -10.26 5.56 18.07
C VAL A 41 -11.68 5.21 17.65
N GLY A 42 -12.23 4.10 18.12
CA GLY A 42 -13.64 3.83 17.92
C GLY A 42 -14.02 3.30 16.56
N MET A 43 -13.10 2.64 15.86
CA MET A 43 -13.45 1.91 14.66
C MET A 43 -14.53 0.87 14.99
N ASP A 44 -15.49 0.70 14.09
CA ASP A 44 -16.55 -0.26 14.37
C ASP A 44 -16.11 -1.65 13.90
N SER A 45 -17.04 -2.61 13.96
CA SER A 45 -16.77 -3.99 13.60
C SER A 45 -16.48 -4.15 12.11
N THR A 46 -16.93 -3.23 11.27
CA THR A 46 -16.66 -3.40 9.85
C THR A 46 -15.53 -2.51 9.34
N THR A 47 -15.39 -1.30 9.89
CA THR A 47 -14.27 -0.44 9.56
C THR A 47 -12.93 -1.11 9.90
N VAL A 48 -12.86 -1.82 11.03
CA VAL A 48 -11.59 -2.34 11.51
C VAL A 48 -10.89 -3.20 10.47
N ASN A 49 -11.64 -3.76 9.52
CA ASN A 49 -11.08 -4.60 8.49
C ASN A 49 -10.59 -3.82 7.26
N TYR A 50 -10.65 -2.48 7.27
CA TYR A 50 -10.23 -1.69 6.13
C TYR A 50 -8.91 -0.96 6.37
N PHE A 51 -8.27 -1.16 7.52
CA PHE A 51 -7.07 -0.43 7.91
C PHE A 51 -6.12 -1.39 8.60
N ALA A 52 -4.84 -1.03 8.57
CA ALA A 52 -3.77 -1.89 9.04
C ALA A 52 -2.63 -0.99 9.52
N LEU A 53 -1.62 -1.60 10.10
CA LEU A 53 -0.50 -0.88 10.71
C LEU A 53 0.63 -0.83 9.70
N PHE A 54 1.30 0.31 9.60
CA PHE A 54 2.41 0.45 8.65
C PHE A 54 3.61 1.10 9.33
N GLU A 55 4.77 0.99 8.68
CA GLU A 55 5.99 1.65 9.12
C GLU A 55 6.42 2.66 8.06
N VAL A 56 6.66 3.90 8.49
CA VAL A 56 7.13 4.92 7.55
C VAL A 56 8.57 4.60 7.20
N ILE A 57 8.82 4.38 5.91
CA ILE A 57 10.18 4.12 5.43
C ILE A 57 10.82 5.40 4.93
N SER A 58 10.07 6.19 4.18
CA SER A 58 10.59 7.41 3.59
C SER A 58 9.42 8.38 3.41
N HIS A 59 9.72 9.55 2.85
CA HIS A 59 8.67 10.49 2.54
C HIS A 59 7.68 9.89 1.56
N SER A 60 8.16 9.00 0.70
CA SER A 60 7.36 8.47 -0.40
C SER A 60 7.09 6.97 -0.28
N PHE A 61 7.34 6.35 0.88
CA PHE A 61 7.02 4.93 1.01
C PHE A 61 6.82 4.54 2.46
N VAL A 62 5.71 3.87 2.73
CA VAL A 62 5.42 3.26 4.02
C VAL A 62 5.17 1.78 3.77
N ARG A 63 5.51 0.95 4.75
CA ARG A 63 5.51 -0.49 4.53
C ARG A 63 4.65 -1.19 5.56
N LYS A 64 3.87 -2.17 5.08
CA LYS A 64 2.93 -2.85 5.96
C LYS A 64 3.66 -3.81 6.89
N LEU A 65 3.30 -3.77 8.17
CA LEU A 65 3.89 -4.68 9.15
C LEU A 65 3.29 -6.07 8.98
N ALA A 66 4.17 -7.07 8.91
CA ALA A 66 3.76 -8.46 8.88
C ALA A 66 3.18 -8.87 10.23
N PRO A 67 2.42 -9.97 10.29
CA PRO A 67 1.82 -10.37 11.58
C PRO A 67 2.84 -10.66 12.69
N ASN A 68 4.01 -11.19 12.36
CA ASN A 68 4.96 -11.67 13.36
C ASN A 68 5.93 -10.57 13.83
N GLU A 69 5.62 -9.31 13.62
CA GLU A 69 6.50 -8.27 14.12
C GLU A 69 6.00 -7.75 15.45
N PHE A 70 6.87 -7.02 16.13
CA PHE A 70 6.57 -6.40 17.40
C PHE A 70 6.64 -4.89 17.23
N PRO A 71 5.50 -4.20 17.12
CA PRO A 71 5.56 -2.76 16.80
C PRO A 71 6.41 -1.96 17.78
N HIS A 72 6.43 -2.32 19.06
CA HIS A 72 7.20 -1.55 20.03
C HIS A 72 8.69 -1.60 19.71
N LYS A 73 9.19 -2.77 19.30
CA LYS A 73 10.56 -2.87 18.82
C LYS A 73 10.81 -1.89 17.67
N LEU A 74 9.92 -1.86 16.68
CA LEU A 74 10.06 -0.92 15.58
C LEU A 74 10.06 0.51 16.11
N TYR A 75 9.15 0.81 17.03
CA TYR A 75 8.97 2.16 17.54
C TYR A 75 10.23 2.66 18.23
N ILE A 76 10.82 1.83 19.10
CA ILE A 76 12.03 2.23 19.79
C ILE A 76 13.20 2.30 18.81
N GLN A 77 13.31 1.34 17.90
CA GLN A 77 14.39 1.37 16.93
C GLN A 77 14.49 2.71 16.22
N ASN A 78 13.34 3.31 15.89
CA ASN A 78 13.29 4.52 15.09
C ASN A 78 12.97 5.76 15.90
N TYR A 79 12.96 5.67 17.23
CA TYR A 79 12.53 6.79 18.07
C TYR A 79 13.66 7.80 18.26
N THR A 80 13.30 9.08 18.27
CA THR A 80 14.18 10.12 18.77
C THR A 80 13.32 11.22 19.39
N SER A 81 13.98 12.16 20.08
CA SER A 81 13.25 13.28 20.68
C SER A 81 12.78 14.31 19.65
N ALA A 82 13.42 14.39 18.47
CA ALA A 82 12.95 15.29 17.42
C ALA A 82 11.67 14.76 16.78
N VAL A 83 11.78 14.28 15.54
CA VAL A 83 10.76 13.65 14.71
C VAL A 83 9.39 14.37 14.67
N PRO A 84 8.73 14.39 13.51
CA PRO A 84 7.31 14.80 13.49
C PRO A 84 6.43 13.98 14.42
N GLY A 85 6.91 12.83 14.93
CA GLY A 85 6.15 12.04 15.88
C GLY A 85 6.60 10.60 15.99
N THR A 86 6.20 9.76 15.04
CA THR A 86 6.35 8.32 15.23
C THR A 86 6.49 7.63 13.88
N CYS A 87 7.15 6.48 13.88
CA CYS A 87 7.30 5.71 12.65
C CYS A 87 6.16 4.73 12.40
N LEU A 88 5.17 4.64 13.29
CA LEU A 88 4.03 3.76 13.07
C LEU A 88 2.82 4.58 12.62
N THR A 89 2.05 4.03 11.67
CA THR A 89 0.92 4.79 11.18
C THR A 89 -0.21 3.86 10.76
N ILE A 90 -1.43 4.36 10.88
CA ILE A 90 -2.64 3.65 10.46
C ILE A 90 -2.97 4.06 9.02
N ARG A 91 -3.06 3.09 8.13
CA ARG A 91 -3.37 3.42 6.75
C ARG A 91 -4.38 2.42 6.22
N LYS A 92 -5.11 2.85 5.18
CA LYS A 92 -6.04 1.99 4.47
C LYS A 92 -5.32 0.77 3.92
N TRP A 93 -6.00 -0.38 4.00
CA TRP A 93 -5.52 -1.63 3.43
C TRP A 93 -6.68 -2.19 2.59
N LEU A 94 -6.70 -1.86 1.30
CA LEU A 94 -7.86 -2.13 0.46
C LEU A 94 -7.52 -1.87 -1.00
N PHE A 95 -7.95 -2.78 -1.86
CA PHE A 95 -7.64 -2.67 -3.27
C PHE A 95 -8.86 -2.44 -4.15
N THR A 96 -10.08 -2.78 -3.70
CA THR A 96 -11.26 -2.68 -4.55
C THR A 96 -12.10 -1.48 -4.09
N THR A 97 -12.23 -0.48 -4.96
CA THR A 97 -12.76 0.79 -4.47
C THR A 97 -14.26 0.73 -4.20
N GLU A 98 -14.95 -0.34 -4.64
CA GLU A 98 -16.38 -0.43 -4.41
C GLU A 98 -16.70 -0.66 -2.94
N GLU A 99 -15.97 -1.56 -2.27
CA GLU A 99 -16.15 -1.74 -0.83
C GLU A 99 -15.92 -0.43 -0.08
N GLU A 100 -15.15 0.48 -0.66
CA GLU A 100 -14.97 1.82 -0.09
C GLU A 100 -16.24 2.65 -0.22
N ILE A 101 -16.82 2.66 -1.41
CA ILE A 101 -18.04 3.40 -1.67
C ILE A 101 -19.14 3.00 -0.68
N LEU A 102 -19.26 1.70 -0.40
CA LEU A 102 -20.25 1.21 0.57
C LEU A 102 -20.11 1.88 1.94
N LEU A 103 -18.92 2.36 2.30
CA LEU A 103 -18.75 2.96 3.61
C LEU A 103 -19.02 4.46 3.62
N ASN A 104 -19.54 5.03 2.52
CA ASN A 104 -19.70 6.47 2.43
C ASN A 104 -20.55 7.05 3.57
N ASP A 105 -21.43 6.27 4.18
CA ASP A 105 -22.19 6.75 5.34
C ASP A 105 -21.55 6.35 6.69
N ASN A 106 -20.24 6.18 6.74
CA ASN A 106 -19.51 5.89 7.98
C ASN A 106 -18.53 7.06 8.17
N ASP A 107 -18.87 7.97 9.09
CA ASP A 107 -18.12 9.22 9.16
C ASP A 107 -16.64 8.97 9.45
N LEU A 108 -16.34 8.03 10.35
CA LEU A 108 -14.95 7.70 10.68
C LEU A 108 -14.18 7.27 9.44
N ALA A 109 -14.74 6.32 8.68
CA ALA A 109 -14.05 5.83 7.50
C ALA A 109 -13.92 6.89 6.42
N VAL A 110 -14.96 7.70 6.20
CA VAL A 110 -14.87 8.79 5.24
C VAL A 110 -13.70 9.71 5.59
N THR A 111 -13.67 10.18 6.84
CA THR A 111 -12.58 11.04 7.32
C THR A 111 -11.21 10.41 7.07
N TYR A 112 -11.06 9.14 7.39
CA TYR A 112 -9.77 8.50 7.16
C TYR A 112 -9.49 8.35 5.68
N PHE A 113 -10.47 7.90 4.89
CA PHE A 113 -10.27 7.77 3.45
C PHE A 113 -9.92 9.13 2.84
N PHE A 114 -10.58 10.19 3.31
CA PHE A 114 -10.41 11.51 2.72
C PHE A 114 -9.02 12.07 2.99
N HIS A 115 -8.61 12.11 4.26
CA HIS A 115 -7.31 12.68 4.58
C HIS A 115 -6.16 11.89 3.98
N GLN A 116 -6.28 10.56 3.86
CA GLN A 116 -5.21 9.81 3.21
C GLN A 116 -5.17 10.11 1.72
N ALA A 117 -6.35 10.10 1.07
CA ALA A 117 -6.44 10.42 -0.35
C ALA A 117 -5.83 11.79 -0.65
N VAL A 118 -6.19 12.80 0.16
CA VAL A 118 -5.56 14.10 0.07
C VAL A 118 -4.04 13.96 0.07
N ASP A 119 -3.50 13.29 1.09
CA ASP A 119 -2.05 13.23 1.17
C ASP A 119 -1.44 12.35 0.07
N ASP A 120 -2.15 11.34 -0.41
CA ASP A 120 -1.63 10.61 -1.56
C ASP A 120 -1.70 11.42 -2.85
N VAL A 121 -2.62 12.39 -2.94
CA VAL A 121 -2.59 13.34 -4.06
C VAL A 121 -1.34 14.20 -3.97
N LYS A 122 -1.09 14.80 -2.80
CA LYS A 122 0.12 15.60 -2.61
C LYS A 122 1.37 14.84 -3.01
N LYS A 123 1.35 13.53 -2.87
CA LYS A 123 2.60 12.79 -3.05
C LYS A 123 2.80 12.31 -4.47
N GLY A 124 1.80 12.38 -5.34
CA GLY A 124 1.91 11.90 -6.70
C GLY A 124 1.35 10.52 -6.95
N TYR A 125 0.82 9.86 -5.91
CA TYR A 125 0.30 8.50 -6.10
C TYR A 125 -0.93 8.49 -6.99
N ILE A 126 -1.88 9.39 -6.73
CA ILE A 126 -3.11 9.51 -7.48
C ILE A 126 -2.93 10.61 -8.51
N LYS A 127 -3.20 10.29 -9.77
CA LYS A 127 -2.88 11.16 -10.90
C LYS A 127 -4.12 11.97 -11.26
N ALA A 128 -4.37 13.00 -10.45
CA ALA A 128 -5.58 13.80 -10.53
C ALA A 128 -5.38 15.12 -11.29
N GLU A 129 -4.23 15.29 -11.95
CA GLU A 129 -3.83 16.53 -12.59
C GLU A 129 -4.96 17.22 -13.35
N GLU A 130 -5.58 16.50 -14.28
CA GLU A 130 -6.49 17.14 -15.22
C GLU A 130 -7.79 17.62 -14.58
N LYS A 131 -8.16 17.12 -13.40
CA LYS A 131 -9.30 17.68 -12.66
C LYS A 131 -8.84 18.28 -11.34
N SER A 132 -7.58 18.74 -11.30
CA SER A 132 -7.01 19.23 -10.05
C SER A 132 -7.84 20.36 -9.44
N TYR A 133 -8.28 21.32 -10.27
CA TYR A 133 -9.05 22.46 -9.78
C TYR A 133 -10.41 22.03 -9.26
N GLN A 134 -11.13 21.21 -10.04
CA GLN A 134 -12.43 20.73 -9.56
C GLN A 134 -12.28 20.02 -8.23
N LEU A 135 -11.25 19.17 -8.10
CA LEU A 135 -10.99 18.48 -6.84
C LEU A 135 -10.64 19.48 -5.74
N GLN A 136 -9.78 20.47 -6.07
CA GLN A 136 -9.43 21.50 -5.10
C GLN A 136 -10.66 22.18 -4.54
N LYS A 137 -11.67 22.45 -5.39
CA LYS A 137 -12.84 23.18 -4.94
C LYS A 137 -13.67 22.35 -3.97
N LEU A 138 -13.78 21.04 -4.20
CA LEU A 138 -14.50 20.18 -3.26
C LEU A 138 -13.75 20.03 -1.94
N TYR A 139 -12.43 20.00 -2.00
CA TYR A 139 -11.63 19.97 -0.78
C TYR A 139 -11.92 21.20 0.09
N GLU A 140 -11.75 22.40 -0.48
CA GLU A 140 -11.99 23.63 0.27
C GLU A 140 -13.34 23.67 0.95
N GLN A 141 -14.36 23.10 0.33
CA GLN A 141 -15.66 23.09 0.98
C GLN A 141 -15.87 21.89 1.89
N ARG A 142 -14.85 21.03 2.05
CA ARG A 142 -14.91 19.83 2.90
C ARG A 142 -16.08 18.92 2.54
N LYS A 143 -16.42 18.85 1.24
CA LYS A 143 -17.42 17.90 0.71
C LYS A 143 -16.73 16.56 0.47
N MET A 144 -16.49 15.86 1.58
CA MET A 144 -15.48 14.81 1.60
C MET A 144 -15.88 13.67 0.66
N VAL A 145 -17.12 13.21 0.76
CA VAL A 145 -17.62 12.10 -0.04
C VAL A 145 -17.65 12.45 -1.52
N MET A 146 -17.91 13.71 -1.86
CA MET A 146 -17.93 14.04 -3.28
C MET A 146 -16.51 14.08 -3.82
N TYR A 147 -15.58 14.64 -3.04
CA TYR A 147 -14.16 14.54 -3.38
C TYR A 147 -13.73 13.09 -3.62
N LEU A 148 -14.13 12.19 -2.72
CA LEU A 148 -13.70 10.79 -2.85
C LEU A 148 -14.37 10.08 -4.01
N ASN A 149 -15.68 10.28 -4.18
CA ASN A 149 -16.38 9.67 -5.31
C ASN A 149 -15.75 10.08 -6.64
N MET A 150 -15.11 11.25 -6.67
CA MET A 150 -14.47 11.71 -7.90
C MET A 150 -13.02 11.26 -7.99
N LEU A 151 -12.27 11.41 -6.89
CA LEU A 151 -10.90 10.93 -6.89
C LEU A 151 -10.83 9.43 -7.13
N ARG A 152 -11.87 8.70 -6.73
CA ARG A 152 -11.84 7.27 -6.93
C ARG A 152 -11.78 6.87 -8.40
N THR A 153 -12.15 7.75 -9.34
CA THR A 153 -12.00 7.48 -10.78
C THR A 153 -10.60 7.74 -11.34
N GLU A 155 -6.57 7.45 -12.16
CA GLU A 155 -5.38 6.54 -12.18
C GLU A 155 -4.61 6.61 -10.89
N GLY A 156 -4.27 5.44 -10.40
CA GLY A 156 -3.47 5.34 -9.20
C GLY A 156 -4.26 5.25 -7.92
N TYR A 157 -5.58 5.40 -7.96
CA TYR A 157 -6.35 5.20 -6.74
C TYR A 157 -6.24 3.74 -6.28
N ASN A 158 -5.91 3.54 -5.00
CA ASN A 158 -5.84 2.20 -4.43
C ASN A 158 -4.76 1.34 -5.10
N GLU A 159 -3.64 1.99 -5.49
CA GLU A 159 -2.47 1.34 -6.06
C GLU A 159 -1.31 1.45 -5.05
N ILE A 160 -0.59 0.36 -4.84
CA ILE A 160 0.58 0.36 -3.94
C ILE A 160 1.82 0.46 -4.81
N ILE A 161 2.56 1.56 -4.69
CA ILE A 161 3.77 1.79 -5.48
C ILE A 161 4.97 1.50 -4.59
N PHE A 162 5.95 0.72 -5.13
CA PHE A 162 7.13 0.34 -4.37
C PHE A 162 8.34 1.13 -4.85
N PRO A 163 9.33 1.30 -3.97
CA PRO A 163 10.62 1.85 -4.40
C PRO A 163 11.27 1.03 -5.50
N HIS A 164 11.99 1.72 -6.39
CA HIS A 164 12.66 1.06 -7.49
C HIS A 164 13.74 0.11 -7.00
N CYS A 165 13.96 -0.96 -7.76
CA CYS A 165 14.95 -1.97 -7.42
C CYS A 165 15.22 -2.85 -8.63
N ALA A 166 16.14 -3.80 -8.44
CA ALA A 166 16.63 -4.61 -9.53
C ALA A 166 15.68 -5.77 -9.82
N CYS A 167 15.69 -6.20 -11.07
CA CYS A 167 14.81 -7.27 -11.54
C CYS A 167 15.61 -8.20 -12.42
N ASP A 168 15.45 -9.50 -12.21
CA ASP A 168 16.25 -10.47 -12.94
C ASP A 168 15.83 -10.60 -14.40
N SER A 169 14.73 -9.98 -14.81
CA SER A 169 14.36 -9.88 -16.21
C SER A 169 14.48 -8.44 -16.71
N ARG A 170 15.55 -7.76 -16.31
CA ARG A 170 15.87 -6.44 -16.83
C ARG A 170 17.40 -6.32 -16.74
N ARG A 171 18.07 -6.53 -17.89
CA ARG A 171 19.52 -6.62 -17.90
C ARG A 171 20.18 -5.35 -17.36
N LYS A 172 19.70 -4.18 -17.76
CA LYS A 172 20.10 -2.94 -17.09
C LYS A 172 18.88 -2.06 -16.88
N GLY A 173 18.95 -1.24 -15.84
CA GLY A 173 17.84 -0.45 -15.37
C GLY A 173 17.09 -1.15 -14.25
N HIS A 174 16.17 -0.43 -13.64
CA HIS A 174 15.41 -0.94 -12.53
C HIS A 174 13.96 -1.17 -12.91
N VAL A 175 13.18 -1.63 -11.94
CA VAL A 175 11.74 -1.63 -12.05
C VAL A 175 11.18 -0.87 -10.86
N ILE A 176 10.01 -0.28 -11.07
CA ILE A 176 9.12 0.18 -10.03
C ILE A 176 7.86 -0.65 -10.17
N THR A 177 7.50 -1.37 -9.12
CA THR A 177 6.36 -2.28 -9.21
C THR A 177 5.13 -1.55 -8.68
N ALA A 178 4.00 -1.71 -9.35
CA ALA A 178 2.77 -1.02 -8.99
C ALA A 178 1.63 -2.03 -8.95
N ILE A 179 0.96 -2.12 -7.81
CA ILE A 179 0.04 -3.20 -7.52
C ILE A 179 -1.34 -2.63 -7.23
N SER A 180 -2.35 -3.13 -7.93
CA SER A 180 -3.74 -2.74 -7.73
C SER A 180 -4.62 -3.95 -8.00
N ILE A 181 -5.93 -3.78 -7.77
CA ILE A 181 -6.87 -4.86 -8.04
C ILE A 181 -6.94 -5.16 -9.53
N THR A 182 -6.69 -4.16 -10.37
CA THR A 182 -6.86 -4.32 -11.81
C THR A 182 -5.68 -5.00 -12.48
N HIS A 183 -4.44 -4.79 -11.99
CA HIS A 183 -3.33 -5.65 -12.41
C HIS A 183 -2.02 -5.34 -11.71
N PHE A 184 -0.97 -6.07 -12.12
CA PHE A 184 0.40 -5.98 -11.64
C PHE A 184 1.24 -5.28 -12.71
N LYS A 185 1.75 -4.10 -12.40
CA LYS A 185 2.51 -3.33 -13.35
C LYS A 185 3.97 -3.25 -12.90
N LEU A 186 4.87 -3.44 -13.85
CA LEU A 186 6.30 -3.18 -13.67
C LEU A 186 6.68 -1.98 -14.54
N HIS A 187 7.13 -0.91 -13.92
CA HIS A 187 7.52 0.28 -14.66
C HIS A 187 9.03 0.26 -14.83
N ALA A 188 9.49 0.35 -16.07
CA ALA A 188 10.91 0.47 -16.31
C ALA A 188 11.38 1.87 -15.93
N CYS A 189 12.38 1.94 -15.06
CA CYS A 189 13.00 3.20 -14.65
C CYS A 189 14.51 3.03 -14.72
N THR A 190 15.21 4.13 -14.58
CA THR A 190 16.66 4.08 -14.74
C THR A 190 17.30 3.54 -13.46
N GLU A 191 18.62 3.66 -13.40
CA GLU A 191 19.38 3.26 -12.22
C GLU A 191 18.90 3.99 -10.96
N GLU A 192 18.67 5.30 -11.07
CA GLU A 192 18.34 6.14 -9.93
C GLU A 192 16.85 6.24 -9.68
N GLY A 193 16.02 5.63 -10.54
CA GLY A 193 14.59 5.65 -10.37
C GLY A 193 13.84 6.63 -11.26
N GLN A 194 14.50 7.26 -12.21
CA GLN A 194 13.81 8.13 -13.15
C GLN A 194 13.14 7.25 -14.20
N LEU A 195 11.87 7.51 -14.48
CA LEU A 195 11.09 6.63 -15.34
C LEU A 195 11.62 6.63 -16.77
N GLU A 196 11.68 5.43 -17.35
CA GLU A 196 11.86 5.32 -18.79
C GLU A 196 10.52 5.66 -19.41
N ASN A 197 10.02 4.82 -20.31
CA ASN A 197 8.67 4.94 -20.81
C ASN A 197 8.12 3.57 -21.19
N GLN A 198 8.76 2.51 -20.73
CA GLN A 198 8.27 1.16 -20.91
C GLN A 198 7.54 0.70 -19.64
N VAL A 199 6.59 -0.20 -19.83
CA VAL A 199 5.75 -0.68 -18.73
C VAL A 199 5.10 -1.98 -19.19
N ILE A 200 4.82 -2.86 -18.23
CA ILE A 200 4.19 -4.15 -18.51
C ILE A 200 3.04 -4.35 -17.55
N ALA A 201 1.84 -4.54 -18.09
CA ALA A 201 0.67 -4.87 -17.30
C ALA A 201 0.53 -6.38 -17.28
N PHE A 202 0.55 -6.95 -16.07
CA PHE A 202 0.32 -8.38 -15.90
C PHE A 202 -1.10 -8.57 -15.39
N GLU A 203 -1.93 -9.29 -16.16
CA GLU A 203 -3.24 -9.66 -15.66
C GLU A 203 -3.10 -10.65 -14.50
N TRP A 204 -3.95 -10.49 -13.48
CA TRP A 204 -3.81 -11.36 -12.31
C TRP A 204 -4.08 -12.82 -12.64
N ASP A 205 -4.99 -13.09 -13.60
CA ASP A 205 -5.22 -14.45 -14.05
C ASP A 205 -4.03 -15.03 -14.78
N GLU A 206 -3.07 -14.21 -15.19
CA GLU A 206 -1.83 -14.74 -15.73
C GLU A 206 -0.86 -15.19 -14.65
N MET A 207 -1.11 -14.83 -13.39
CA MET A 207 -0.19 -15.15 -12.30
C MET A 207 -0.39 -16.61 -11.89
N GLN A 208 0.62 -17.44 -12.14
CA GLN A 208 0.51 -18.87 -11.90
C GLN A 208 0.82 -19.24 -10.45
N ARG A 209 1.94 -18.76 -9.94
CA ARG A 209 2.28 -18.89 -8.53
C ARG A 209 3.35 -17.83 -8.20
N TRP A 210 3.71 -17.75 -6.93
CA TRP A 210 4.58 -16.68 -6.45
C TRP A 210 5.14 -17.06 -5.09
N ASP A 211 6.32 -16.54 -4.78
CA ASP A 211 7.06 -16.89 -3.56
C ASP A 211 7.93 -15.70 -3.15
N THR A 212 8.59 -15.84 -2.00
CA THR A 212 9.72 -14.98 -1.66
C THR A 212 10.97 -15.83 -1.54
N ASP A 213 12.10 -15.15 -1.42
CA ASP A 213 13.43 -15.74 -1.24
C ASP A 213 14.09 -14.93 -0.13
N GLU A 214 14.06 -15.45 1.10
CA GLU A 214 14.56 -14.68 2.24
C GLU A 214 16.04 -14.33 2.10
N GLU A 215 16.81 -15.17 1.43
CA GLU A 215 18.26 -15.06 1.38
C GLU A 215 18.70 -14.16 0.23
N GLY A 216 18.17 -14.41 -0.97
CA GLY A 216 18.36 -13.48 -2.06
C GLY A 216 17.64 -12.16 -1.90
N MET A 217 16.81 -12.01 -0.87
CA MET A 217 15.96 -10.84 -0.66
C MET A 217 15.26 -10.46 -1.96
N ALA A 218 14.31 -11.31 -2.32
CA ALA A 218 13.60 -11.14 -3.58
C ALA A 218 12.18 -11.66 -3.46
N PHE A 219 11.27 -10.96 -4.12
CA PHE A 219 9.94 -11.50 -4.38
C PHE A 219 9.98 -12.21 -5.73
N CYS A 220 9.19 -13.27 -5.88
CA CYS A 220 9.20 -14.07 -7.10
C CYS A 220 7.78 -14.34 -7.56
N PHE A 221 7.53 -14.24 -8.87
CA PHE A 221 6.22 -14.58 -9.41
C PHE A 221 6.38 -15.29 -10.74
N GLU A 222 5.49 -16.25 -10.99
CA GLU A 222 5.51 -17.04 -12.22
C GLU A 222 4.23 -16.81 -12.98
N TYR A 223 4.36 -16.35 -14.23
CA TYR A 223 3.23 -16.00 -15.08
C TYR A 223 3.22 -16.83 -16.36
N ALA A 224 2.01 -17.21 -16.80
CA ALA A 224 1.76 -17.72 -18.14
C ALA A 224 0.91 -16.71 -18.91
N ARG A 225 1.49 -16.08 -19.93
CA ARG A 225 0.79 -15.06 -20.72
C ARG A 225 0.71 -15.48 -22.18
N GLY A 226 -0.32 -14.99 -22.86
CA GLY A 226 -0.52 -15.25 -24.27
C GLY A 226 -0.58 -16.73 -24.59
N GLU A 227 0.56 -17.31 -24.97
CA GLU A 227 0.63 -18.74 -25.20
C GLU A 227 1.92 -19.39 -24.71
N LYS A 228 2.95 -18.61 -24.35
CA LYS A 228 4.22 -19.16 -23.94
C LYS A 228 4.09 -19.94 -22.63
N LYS A 229 5.20 -20.59 -22.23
CA LYS A 229 5.35 -21.48 -21.08
C LYS A 229 5.72 -20.69 -19.83
N PRO A 230 5.08 -21.04 -18.70
CA PRO A 230 5.28 -20.29 -17.45
C PRO A 230 6.72 -19.94 -17.17
N ARG A 231 6.95 -18.68 -16.80
CA ARG A 231 8.27 -18.14 -16.58
C ARG A 231 8.32 -17.43 -15.23
N TRP A 232 9.46 -17.50 -14.57
CA TRP A 232 9.67 -16.87 -13.29
C TRP A 232 10.33 -15.51 -13.48
N VAL A 233 9.91 -14.54 -12.67
CA VAL A 233 10.54 -13.24 -12.58
C VAL A 233 10.86 -12.97 -11.10
N LYS A 234 12.05 -12.46 -10.84
CA LYS A 234 12.43 -12.08 -9.48
C LYS A 234 12.59 -10.58 -9.38
N ILE A 235 12.07 -10.02 -8.30
CA ILE A 235 12.20 -8.59 -7.98
C ILE A 235 13.03 -8.52 -6.70
N PHE A 236 14.16 -7.82 -6.77
CA PHE A 236 15.10 -7.77 -5.65
C PHE A 236 14.78 -6.59 -4.73
N THR A 237 13.56 -6.60 -4.23
CA THR A 237 13.09 -5.62 -3.27
C THR A 237 13.34 -6.10 -1.84
N PRO A 238 13.81 -5.20 -0.95
CA PRO A 238 13.93 -5.56 0.48
C PRO A 238 12.59 -5.76 1.16
N TYR A 239 11.49 -5.43 0.49
CA TYR A 239 10.13 -5.51 1.00
C TYR A 239 9.38 -6.68 0.37
N PHE A 240 10.09 -7.82 0.21
CA PHE A 240 9.50 -8.97 -0.46
C PHE A 240 8.30 -9.50 0.28
N ASN A 241 8.34 -9.43 1.61
CA ASN A 241 7.22 -9.92 2.42
C ASN A 241 5.99 -9.06 2.19
N TYR A 242 6.16 -7.72 2.23
CA TYR A 242 5.05 -6.82 1.96
C TYR A 242 4.48 -7.06 0.56
N MET A 243 5.35 -7.24 -0.43
CA MET A 243 4.86 -7.51 -1.77
C MET A 243 4.15 -8.86 -1.86
N HIS A 244 4.58 -9.83 -1.05
CA HIS A 244 3.91 -11.11 -0.98
C HIS A 244 2.54 -10.97 -0.33
N GLU A 245 2.46 -10.22 0.78
CA GLU A 245 1.16 -9.93 1.39
C GLU A 245 0.21 -9.31 0.37
N CYS A 246 0.74 -8.45 -0.51
CA CYS A 246 -0.10 -7.79 -1.52
C CYS A 246 -0.74 -8.79 -2.48
N PHE A 247 0.05 -9.72 -3.04
CA PHE A 247 -0.49 -10.76 -3.91
C PHE A 247 -1.62 -11.53 -3.23
N GLU A 248 -1.36 -12.01 -2.02
CA GLU A 248 -2.36 -12.76 -1.28
C GLU A 248 -3.61 -11.92 -1.07
N ARG A 249 -3.44 -10.63 -0.74
CA ARG A 249 -4.59 -9.79 -0.46
C ARG A 249 -5.40 -9.55 -1.75
N VAL A 250 -4.72 -9.40 -2.87
CA VAL A 250 -5.44 -9.15 -4.12
C VAL A 250 -6.29 -10.34 -4.52
N PHE A 251 -5.72 -11.55 -4.49
CA PHE A 251 -6.44 -12.75 -4.84
C PHE A 251 -7.59 -12.99 -3.91
N GLU A 253 -9.32 -10.58 -2.54
CA GLU A 253 -10.37 -9.52 -2.79
C GLU A 253 -11.07 -9.82 -4.12
N LEU A 254 -10.33 -10.48 -5.01
CA LEU A 254 -10.88 -10.95 -6.28
C LEU A 254 -11.86 -12.11 -6.07
N LYS A 255 -11.55 -13.02 -5.15
CA LYS A 255 -12.49 -14.10 -4.87
C LYS A 255 -13.81 -13.56 -4.33
N TRP A 256 -13.78 -12.48 -3.54
CA TRP A 256 -14.99 -11.95 -2.93
C TRP A 256 -15.52 -10.70 -3.62
N ARG A 257 -15.01 -10.36 -4.80
CA ARG A 257 -15.53 -9.22 -5.54
C ARG A 257 -17.04 -9.38 -5.71
N LYS A 258 -17.79 -8.42 -5.19
CA LYS A 258 -19.24 -8.49 -5.17
C LYS A 258 -19.90 -7.66 -6.27
N GLU A 259 -19.12 -7.06 -7.19
CA GLU A 259 -19.67 -6.25 -8.26
C GLU A 259 -19.05 -6.59 -9.61
N GLU A 260 -19.87 -6.46 -10.65
CA GLU A 260 -19.51 -6.69 -12.04
C GLU A 260 -18.82 -5.49 -12.69
N TYR A 261 -18.63 -4.40 -11.95
CA TYR A 261 -18.04 -3.18 -12.48
C TYR A 261 -16.92 -2.66 -11.58
N ASN B 6 19.30 -14.55 -18.55
CA ASN B 6 17.84 -14.44 -18.48
C ASN B 6 17.33 -13.66 -19.68
N ILE B 7 16.10 -13.95 -20.10
CA ILE B 7 15.45 -13.20 -21.16
C ILE B 7 14.81 -11.96 -20.54
N ASP B 8 14.98 -10.82 -21.21
CA ASP B 8 14.49 -9.53 -20.71
C ASP B 8 13.06 -9.32 -21.16
N ILE B 9 12.16 -9.11 -20.18
CA ILE B 9 10.75 -8.94 -20.49
C ILE B 9 10.48 -7.59 -21.15
N PHE B 10 11.41 -6.65 -21.04
CA PHE B 10 11.31 -5.36 -21.72
C PHE B 10 11.97 -5.38 -23.10
N ALA B 11 12.29 -6.57 -23.61
CA ALA B 11 12.96 -6.70 -24.91
C ALA B 11 12.16 -6.07 -26.04
N ASP B 12 10.83 -6.05 -25.90
CA ASP B 12 9.91 -5.61 -26.96
C ASP B 12 10.04 -6.55 -28.14
#